data_4OG8
#
_entry.id   4OG8
#
_cell.length_a   48.782
_cell.length_b   80.224
_cell.length_c   124.691
_cell.angle_alpha   90.00
_cell.angle_beta   90.00
_cell.angle_gamma   90.00
#
_symmetry.space_group_name_H-M   'P 21 21 21'
#
loop_
_entity.id
_entity.type
_entity.pdbx_description
1 polymer Menin
2 non-polymer 'TERT-BUTYL FORMATE'
3 non-polymer 4-(3-{4-[(R)-amino(cyclopentyl)phenylmethyl]piperidin-1-yl}propoxy)benzonitrile
4 non-polymer 'TETRAETHYLENE GLYCOL'
5 non-polymer 'SULFATE ION'
6 non-polymer 'DIMETHYL SULFOXIDE'
7 non-polymer '2-PHOSPHOGLYCOLIC ACID'
8 water water
#
_entity_poly.entity_id   1
_entity_poly.type   'polypeptide(L)'
_entity_poly.pdbx_seq_one_letter_code
;GGSSSMGLKAAQKTLFPLRSIDDVVRLFAAELGREEPDLVLLSLVLGFVEHFLAVNRVGLTYFPVADLSIIAALYARFTA
QIRGAVDLSLYPREGGVSSRELVKKVSDVIWNSLSRSYFKDRAHIQSLFSFITGTKLDSSGVAFAVVGACQALGLRDVHL
ALSEDHAWVVFGPNGEQTAEVTWHGKGNEDRRGQTVNAGVAERSWLYLKGSYMRCDRKMEVAFMVCAINPSIDLHTDSLE
LLQLQQKLLWLLYDLGHLERYPMALGNLADLEELEPTPGRPDPLTLYHKGIASAKTYYRDEHIYPYMYLAGYHCRNRNVR
EALQAWADTATVIQDYNYCREDEEIYKEFFEVANDVIPNLLKEAASLLEAGSQGSALQDPECFAHLLRFYDGICKWEEGS
PTPVLHVGWATFLVQSLGRFEGQVRQKVRIVSVPAPTASPPPEGPVLTFQSEKMKGMKELLVATKINSSAIKLQLTAQSQ
VQMKKQKVS
;
_entity_poly.pdbx_strand_id   A
#
loop_
_chem_comp.id
_chem_comp.type
_chem_comp.name
_chem_comp.formula
2SF non-polymer 4-(3-{4-[(R)-amino(cyclopentyl)phenylmethyl]piperidin-1-yl}propoxy)benzonitrile 'C27 H35 N3 O'
DMS non-polymer 'DIMETHYL SULFOXIDE' 'C2 H6 O S'
PG4 non-polymer 'TETRAETHYLENE GLYCOL' 'C8 H18 O5'
PGA non-polymer '2-PHOSPHOGLYCOLIC ACID' 'C2 H5 O6 P'
SO4 non-polymer 'SULFATE ION' 'O4 S -2'
TBF non-polymer 'TERT-BUTYL FORMATE' 'C5 H10 O2'
#
# COMPACT_ATOMS: atom_id res chain seq x y z
N GLY A 7 30.55 9.08 -0.44
CA GLY A 7 31.92 9.14 0.14
C GLY A 7 32.09 8.68 1.59
N LEU A 8 31.60 9.44 2.58
CA LEU A 8 30.80 10.65 2.37
C LEU A 8 31.63 11.78 1.84
N LYS A 9 30.98 12.62 1.09
CA LYS A 9 31.60 13.74 0.45
C LYS A 9 31.60 14.90 1.44
N ALA A 10 32.60 15.79 1.37
CA ALA A 10 32.65 16.87 2.32
C ALA A 10 31.34 17.65 2.44
N ALA A 11 30.68 17.91 1.32
CA ALA A 11 29.41 18.66 1.30
C ALA A 11 28.26 17.94 2.00
N GLN A 12 28.32 16.62 2.03
CA GLN A 12 27.34 15.88 2.76
C GLN A 12 27.49 15.94 4.25
N LYS A 13 28.63 16.41 4.73
CA LYS A 13 28.98 16.31 6.14
C LYS A 13 28.69 17.58 6.88
N THR A 14 28.47 18.67 6.16
CA THR A 14 28.43 20.00 6.77
C THR A 14 27.21 20.31 7.65
N LEU A 15 26.11 19.58 7.49
CA LEU A 15 24.94 19.82 8.35
C LEU A 15 25.04 19.12 9.67
N PHE A 16 25.95 18.17 9.76
CA PHE A 16 26.06 17.44 11.03
C PHE A 16 26.68 18.31 12.09
N PRO A 17 26.33 18.07 13.35
CA PRO A 17 25.36 17.09 13.84
C PRO A 17 23.92 17.51 13.60
N LEU A 18 23.06 16.52 13.52
CA LEU A 18 21.62 16.77 13.31
C LEU A 18 21.02 16.78 14.70
N ARG A 19 20.53 17.92 15.13
CA ARG A 19 20.08 18.11 16.53
C ARG A 19 18.56 18.20 16.69
N SER A 20 17.83 18.12 15.57
CA SER A 20 16.40 18.30 15.57
C SER A 20 15.76 17.75 14.34
N ILE A 21 14.44 17.65 14.38
CA ILE A 21 13.63 17.26 13.23
C ILE A 21 13.98 18.16 12.05
N ASP A 22 13.99 19.46 12.27
CA ASP A 22 14.26 20.35 11.14
C ASP A 22 15.68 20.18 10.57
N ASP A 23 16.65 19.82 11.40
CA ASP A 23 18.01 19.51 10.88
C ASP A 23 17.97 18.28 9.95
N VAL A 24 17.18 17.25 10.30
CA VAL A 24 17.02 16.09 9.42
C VAL A 24 16.37 16.55 8.09
N VAL A 25 15.32 17.35 8.18
CA VAL A 25 14.69 17.90 6.98
C VAL A 25 15.69 18.66 6.11
N ARG A 26 16.56 19.43 6.74
CA ARG A 26 17.61 20.15 6.02
C ARG A 26 18.49 19.18 5.25
N LEU A 27 18.88 18.09 5.89
CA LEU A 27 19.72 17.08 5.23
C LEU A 27 19.02 16.47 4.02
N PHE A 28 17.75 16.14 4.19
CA PHE A 28 16.98 15.64 3.07
C PHE A 28 16.87 16.63 1.92
N ALA A 29 16.70 17.91 2.24
CA ALA A 29 16.56 18.93 1.22
C ALA A 29 17.88 19.05 0.49
N ALA A 30 18.99 18.97 1.21
CA ALA A 30 20.25 19.07 0.57
C ALA A 30 20.54 17.90 -0.37
N GLU A 31 20.28 16.70 0.10
CA GLU A 31 20.46 15.50 -0.73
C GLU A 31 19.55 15.51 -1.97
N LEU A 32 18.30 15.95 -1.78
CA LEU A 32 17.39 16.00 -2.90
C LEU A 32 17.75 17.06 -3.96
N GLY A 33 18.56 18.05 -3.59
CA GLY A 33 19.12 19.05 -4.52
C GLY A 33 20.34 18.55 -5.25
N ARG A 34 20.86 17.40 -4.84
CA ARG A 34 22.01 16.81 -5.48
C ARG A 34 21.59 15.99 -6.69
N GLU A 35 22.59 15.72 -7.50
CA GLU A 35 22.38 14.91 -8.68
C GLU A 35 21.72 13.56 -8.37
N GLU A 36 22.26 12.84 -7.39
CA GLU A 36 21.86 11.50 -6.91
C GLU A 36 21.79 11.62 -5.37
N PRO A 37 20.58 11.75 -4.77
CA PRO A 37 20.52 11.72 -3.32
C PRO A 37 21.07 10.39 -2.82
N ASP A 38 21.78 10.46 -1.69
CA ASP A 38 22.46 9.31 -1.15
C ASP A 38 21.52 8.49 -0.31
N LEU A 39 21.02 7.42 -0.90
CA LEU A 39 20.06 6.54 -0.22
C LEU A 39 20.59 5.91 1.04
N VAL A 40 21.87 5.59 1.03
CA VAL A 40 22.46 4.90 2.17
C VAL A 40 22.58 5.86 3.35
N LEU A 41 23.09 7.06 3.08
CA LEU A 41 23.12 8.08 4.12
C LEU A 41 21.76 8.34 4.69
N LEU A 42 20.80 8.57 3.81
CA LEU A 42 19.46 8.96 4.29
C LEU A 42 18.75 7.89 5.08
N SER A 43 18.86 6.63 4.62
CA SER A 43 18.27 5.50 5.35
C SER A 43 18.91 5.27 6.71
N LEU A 44 20.23 5.39 6.75
CA LEU A 44 20.92 5.27 8.04
C LEU A 44 20.46 6.32 9.04
N VAL A 45 20.35 7.57 8.58
CA VAL A 45 19.90 8.68 9.43
C VAL A 45 18.48 8.41 9.91
N LEU A 46 17.56 8.05 9.02
CA LEU A 46 16.19 7.77 9.46
C LEU A 46 16.14 6.61 10.42
N GLY A 47 16.91 5.57 10.17
CA GLY A 47 16.87 4.43 11.05
C GLY A 47 17.47 4.72 12.40
N PHE A 48 18.49 5.54 12.44
CA PHE A 48 19.09 6.00 13.71
C PHE A 48 18.08 6.77 14.53
N VAL A 49 17.45 7.74 13.90
CA VAL A 49 16.51 8.60 14.65
C VAL A 49 15.28 7.78 15.06
N GLU A 50 14.78 6.90 14.19
CA GLU A 50 13.67 6.04 14.59
C GLU A 50 14.03 5.08 15.74
N HIS A 51 15.25 4.56 15.73
CA HIS A 51 15.67 3.70 16.80
C HIS A 51 15.58 4.42 18.15
N PHE A 52 16.10 5.63 18.20
CA PHE A 52 16.17 6.38 19.44
C PHE A 52 14.92 7.18 19.78
N LEU A 53 13.92 7.18 18.89
CA LEU A 53 12.64 7.77 19.20
C LEU A 53 11.54 6.78 19.37
N ALA A 54 11.67 5.55 18.84
CA ALA A 54 10.59 4.56 18.91
C ALA A 54 11.00 3.24 19.53
N VAL A 55 12.24 2.82 19.36
CA VAL A 55 12.70 1.51 19.85
C VAL A 55 13.25 1.63 21.25
N ASN A 56 14.10 2.63 21.50
CA ASN A 56 14.70 2.84 22.80
C ASN A 56 14.82 4.34 23.11
N ARG A 57 13.88 4.84 23.90
CA ARG A 57 13.82 6.25 24.28
C ARG A 57 14.55 6.58 25.59
N VAL A 58 15.30 5.62 26.10
CA VAL A 58 16.01 5.88 27.33
C VAL A 58 16.93 7.06 27.17
N GLY A 59 16.85 7.98 28.12
CA GLY A 59 17.71 9.15 28.12
C GLY A 59 17.27 10.23 27.15
N LEU A 60 16.21 10.01 26.40
CA LEU A 60 15.77 11.05 25.45
C LEU A 60 15.33 12.31 26.21
N THR A 61 15.81 13.48 25.79
CA THR A 61 15.32 14.74 26.35
C THR A 61 14.69 15.66 25.32
N TYR A 62 14.99 15.44 24.05
CA TYR A 62 14.39 16.25 22.99
C TYR A 62 14.47 15.51 21.64
N PHE A 63 15.69 15.25 21.19
CA PHE A 63 15.91 14.66 19.91
C PHE A 63 17.23 13.94 19.96
N PRO A 64 17.31 12.73 19.36
CA PRO A 64 18.57 11.99 19.41
C PRO A 64 19.57 12.59 18.46
N VAL A 65 20.56 13.25 19.00
CA VAL A 65 21.52 13.96 18.18
C VAL A 65 22.29 12.93 17.33
N ALA A 66 22.33 13.20 16.03
CA ALA A 66 23.04 12.37 15.06
C ALA A 66 24.37 13.03 14.74
N ASP A 67 25.41 12.56 15.41
CA ASP A 67 26.78 13.05 15.22
C ASP A 67 27.35 12.43 13.94
N LEU A 68 28.17 13.22 13.24
CA LEU A 68 28.85 12.74 12.06
C LEU A 68 29.66 11.48 12.33
N SER A 69 30.35 11.41 13.46
CA SER A 69 31.21 10.25 13.66
C SER A 69 30.37 8.98 13.71
N ILE A 70 29.19 9.03 14.34
CA ILE A 70 28.31 7.88 14.45
C ILE A 70 27.77 7.49 13.07
N ILE A 71 27.25 8.47 12.33
CA ILE A 71 26.63 8.17 11.06
C ILE A 71 27.67 7.74 10.03
N ALA A 72 28.84 8.40 10.04
CA ALA A 72 29.92 7.99 9.13
C ALA A 72 30.41 6.59 9.41
N ALA A 73 30.43 6.16 10.66
CA ALA A 73 30.89 4.82 10.96
C ALA A 73 29.86 3.79 10.46
N LEU A 74 28.56 4.04 10.65
CA LEU A 74 27.52 3.13 10.10
C LEU A 74 27.66 3.06 8.58
N TYR A 75 27.90 4.21 7.96
CA TYR A 75 27.99 4.31 6.49
C TYR A 75 29.15 3.53 5.99
N ALA A 76 30.26 3.62 6.70
CA ALA A 76 31.47 2.86 6.39
C ALA A 76 31.26 1.37 6.59
N ARG A 77 30.50 0.99 7.62
CA ARG A 77 30.12 -0.41 7.80
C ARG A 77 29.38 -0.97 6.59
N PHE A 78 28.40 -0.22 6.09
CA PHE A 78 27.59 -0.65 4.95
C PHE A 78 28.44 -0.73 3.69
N THR A 79 29.15 0.33 3.38
CA THR A 79 29.86 0.35 2.12
C THR A 79 30.99 -0.65 2.09
N ALA A 80 31.67 -0.90 3.24
CA ALA A 80 32.68 -1.95 3.32
C ALA A 80 32.09 -3.33 3.11
N GLN A 81 30.92 -3.58 3.67
CA GLN A 81 30.29 -4.88 3.50
C GLN A 81 30.00 -5.15 2.02
N ILE A 82 29.50 -4.12 1.33
CA ILE A 82 29.04 -4.29 -0.04
C ILE A 82 30.22 -4.33 -0.99
N ARG A 83 31.13 -3.37 -0.88
CA ARG A 83 32.27 -3.28 -1.82
C ARG A 83 33.21 -4.47 -1.64
N GLY A 84 33.32 -4.94 -0.42
CA GLY A 84 34.14 -6.11 -0.15
C GLY A 84 33.61 -7.42 -0.74
N ALA A 85 32.28 -7.54 -0.82
CA ALA A 85 31.65 -8.79 -1.21
C ALA A 85 31.31 -8.84 -2.67
N VAL A 86 31.19 -7.68 -3.33
CA VAL A 86 30.77 -7.64 -4.76
C VAL A 86 31.97 -7.10 -5.52
N ASP A 87 32.64 -7.95 -6.27
CA ASP A 87 33.77 -7.51 -7.09
C ASP A 87 33.24 -7.18 -8.48
N LEU A 88 33.12 -5.89 -8.76
CA LEU A 88 32.57 -5.44 -10.03
C LEU A 88 33.33 -5.88 -11.28
N SER A 89 34.62 -6.21 -11.14
CA SER A 89 35.38 -6.67 -12.28
C SER A 89 34.90 -8.00 -12.83
N LEU A 90 34.15 -8.76 -12.04
CA LEU A 90 33.64 -10.06 -12.47
C LEU A 90 32.38 -9.92 -13.32
N TYR A 91 31.82 -8.71 -13.39
CA TYR A 91 30.50 -8.42 -14.01
C TYR A 91 30.62 -7.15 -14.90
N PRO A 92 31.34 -7.25 -16.01
CA PRO A 92 31.54 -6.06 -16.88
C PRO A 92 30.23 -5.36 -17.30
N ARG A 93 30.23 -4.02 -17.25
CA ARG A 93 29.04 -3.23 -17.60
C ARG A 93 29.11 -2.60 -18.99
N GLU A 94 28.40 -3.18 -19.95
CA GLU A 94 28.22 -2.55 -21.26
C GLU A 94 27.16 -1.45 -21.16
N GLY A 95 27.55 -0.22 -21.44
CA GLY A 95 26.60 0.86 -21.72
C GLY A 95 26.10 1.62 -20.51
N GLY A 96 26.85 1.60 -19.41
CA GLY A 96 26.42 2.19 -18.17
C GLY A 96 25.24 1.45 -17.57
N VAL A 97 25.05 0.18 -17.97
CA VAL A 97 23.97 -0.62 -17.36
C VAL A 97 24.39 -2.00 -16.83
N SER A 98 23.65 -2.47 -15.84
CA SER A 98 23.98 -3.63 -15.05
C SER A 98 23.45 -4.89 -15.66
N SER A 99 23.98 -6.02 -15.23
CA SER A 99 23.59 -7.33 -15.74
C SER A 99 22.71 -8.00 -14.69
N ARG A 100 21.91 -8.97 -15.12
CA ARG A 100 21.13 -9.74 -14.17
C ARG A 100 22.02 -10.45 -13.14
N GLU A 101 23.19 -10.95 -13.55
CA GLU A 101 24.08 -11.68 -12.64
C GLU A 101 24.57 -10.73 -11.55
N LEU A 102 24.91 -9.50 -11.90
CA LEU A 102 25.35 -8.52 -10.90
C LEU A 102 24.26 -8.19 -9.92
N VAL A 103 23.03 -7.96 -10.41
CA VAL A 103 21.91 -7.68 -9.52
C VAL A 103 21.64 -8.85 -8.58
N LYS A 104 21.68 -10.06 -9.12
CA LYS A 104 21.51 -11.26 -8.27
C LYS A 104 22.61 -11.38 -7.23
N LYS A 105 23.83 -11.05 -7.60
CA LYS A 105 24.95 -11.07 -6.63
C LYS A 105 24.69 -10.09 -5.50
N VAL A 106 24.28 -8.88 -5.83
CA VAL A 106 24.02 -7.91 -4.75
C VAL A 106 22.88 -8.42 -3.86
N SER A 107 21.80 -8.90 -4.47
CA SER A 107 20.74 -9.50 -3.73
C SER A 107 21.18 -10.64 -2.78
N ASP A 108 22.04 -11.51 -3.29
CA ASP A 108 22.60 -12.57 -2.47
C ASP A 108 23.40 -12.01 -1.29
N VAL A 109 24.20 -10.99 -1.53
CA VAL A 109 24.99 -10.39 -0.47
C VAL A 109 24.11 -9.89 0.66
N ILE A 110 23.04 -9.17 0.31
CA ILE A 110 22.14 -8.66 1.31
C ILE A 110 21.47 -9.84 2.06
N TRP A 111 20.93 -10.78 1.28
CA TRP A 111 20.22 -11.94 1.87
C TRP A 111 21.09 -12.69 2.85
N ASN A 112 22.32 -12.98 2.44
CA ASN A 112 23.23 -13.81 3.20
C ASN A 112 23.71 -13.11 4.46
N SER A 113 23.56 -11.80 4.52
CA SER A 113 23.93 -11.00 5.70
C SER A 113 22.89 -11.06 6.81
N LEU A 114 21.67 -11.52 6.53
CA LEU A 114 20.58 -11.43 7.46
C LEU A 114 20.65 -12.58 8.46
N SER A 115 20.25 -12.30 9.69
CA SER A 115 20.03 -13.33 10.73
C SER A 115 19.17 -14.46 10.16
N ARG A 116 19.54 -15.68 10.52
CA ARG A 116 18.95 -16.90 9.98
C ARG A 116 17.49 -17.09 10.40
N SER A 117 17.13 -16.55 11.56
CA SER A 117 15.81 -16.72 12.13
C SER A 117 15.46 -15.43 12.87
N TYR A 118 14.40 -14.75 12.43
CA TYR A 118 13.79 -13.67 13.19
C TYR A 118 12.35 -13.42 12.78
N PHE A 119 11.62 -12.64 13.58
CA PHE A 119 10.23 -12.29 13.25
C PHE A 119 10.23 -11.27 12.12
N LYS A 120 9.81 -11.72 10.95
CA LYS A 120 9.99 -10.95 9.71
C LYS A 120 9.10 -9.72 9.61
N ASP A 121 8.06 -9.65 10.44
CA ASP A 121 7.09 -8.56 10.39
C ASP A 121 7.14 -7.72 11.67
N ARG A 122 8.29 -7.69 12.31
CA ARG A 122 8.50 -6.72 13.34
C ARG A 122 8.47 -5.32 12.72
N ALA A 123 8.16 -4.37 13.56
CA ALA A 123 8.36 -2.99 13.28
C ALA A 123 9.87 -2.64 13.43
N HIS A 124 10.23 -1.59 12.72
CA HIS A 124 11.52 -0.96 12.84
C HIS A 124 12.66 -1.78 12.24
N ILE A 125 12.35 -2.66 11.28
CA ILE A 125 13.41 -3.46 10.60
C ILE A 125 13.41 -3.13 9.12
N GLN A 126 13.07 -1.90 8.78
CA GLN A 126 12.94 -1.46 7.38
C GLN A 126 14.18 -0.79 6.82
N SER A 127 15.04 -0.23 7.69
CA SER A 127 16.10 0.67 7.25
C SER A 127 17.45 0.04 7.24
N LEU A 128 18.41 0.72 6.63
CA LEU A 128 19.76 0.22 6.69
C LEU A 128 20.36 0.26 8.09
N PHE A 129 19.80 1.11 8.99
CA PHE A 129 20.25 1.04 10.36
C PHE A 129 19.95 -0.34 10.96
N SER A 130 18.77 -0.89 10.70
CA SER A 130 18.40 -2.23 11.17
C SER A 130 19.32 -3.29 10.53
N PHE A 131 19.60 -3.13 9.24
CA PHE A 131 20.46 -4.07 8.54
C PHE A 131 21.84 -4.15 9.17
N ILE A 132 22.42 -2.99 9.46
CA ILE A 132 23.79 -2.97 10.00
C ILE A 132 23.85 -3.36 11.48
N THR A 133 22.92 -2.85 12.29
CA THR A 133 23.00 -3.04 13.74
C THR A 133 22.30 -4.31 14.23
N GLY A 134 21.31 -4.77 13.50
CA GLY A 134 20.55 -5.96 13.90
C GLY A 134 20.54 -7.07 12.91
N THR A 135 21.21 -6.91 11.76
CA THR A 135 21.19 -7.89 10.65
C THR A 135 19.78 -8.39 10.35
N LYS A 136 18.84 -7.44 10.36
CA LYS A 136 17.44 -7.76 10.15
C LYS A 136 16.81 -6.76 9.20
N LEU A 137 16.09 -7.30 8.23
CA LEU A 137 15.25 -6.47 7.33
C LEU A 137 13.93 -7.16 7.04
N ASP A 138 12.91 -6.35 6.84
CA ASP A 138 11.62 -6.79 6.33
C ASP A 138 11.68 -6.99 4.83
N SER A 139 10.61 -7.56 4.28
N SER A 139 10.62 -7.56 4.26
CA SER A 139 10.66 -7.96 2.88
CA SER A 139 10.67 -7.93 2.83
C SER A 139 10.98 -6.83 1.91
C SER A 139 11.04 -6.78 1.93
N SER A 140 10.26 -5.72 2.03
CA SER A 140 10.54 -4.58 1.15
C SER A 140 11.82 -3.92 1.51
N GLY A 141 12.21 -4.02 2.76
CA GLY A 141 13.48 -3.50 3.18
C GLY A 141 14.65 -4.14 2.49
N VAL A 142 14.57 -5.42 2.24
CA VAL A 142 15.62 -6.08 1.43
C VAL A 142 15.73 -5.48 0.03
N ALA A 143 14.59 -5.23 -0.61
CA ALA A 143 14.61 -4.63 -1.96
C ALA A 143 15.22 -3.25 -1.90
N PHE A 144 14.84 -2.46 -0.89
CA PHE A 144 15.46 -1.15 -0.77
C PHE A 144 16.97 -1.23 -0.56
N ALA A 145 17.40 -2.18 0.29
CA ALA A 145 18.80 -2.32 0.57
C ALA A 145 19.60 -2.74 -0.66
N VAL A 146 19.02 -3.57 -1.52
CA VAL A 146 19.68 -3.91 -2.77
C VAL A 146 19.88 -2.67 -3.62
N VAL A 147 18.86 -1.83 -3.72
CA VAL A 147 19.00 -0.60 -4.51
C VAL A 147 20.05 0.33 -3.89
N GLY A 148 20.04 0.48 -2.57
CA GLY A 148 21.05 1.29 -1.92
C GLY A 148 22.46 0.76 -2.14
N ALA A 149 22.64 -0.56 -2.03
CA ALA A 149 23.91 -1.22 -2.28
C ALA A 149 24.38 -0.99 -3.74
N CYS A 150 23.43 -1.10 -4.67
CA CYS A 150 23.74 -0.81 -6.07
C CYS A 150 24.15 0.64 -6.28
N GLN A 151 23.48 1.59 -5.64
CA GLN A 151 23.93 2.95 -5.73
C GLN A 151 25.32 3.14 -5.17
N ALA A 152 25.61 2.49 -4.04
CA ALA A 152 26.93 2.52 -3.43
C ALA A 152 28.03 2.01 -4.37
N LEU A 153 27.67 1.02 -5.17
CA LEU A 153 28.56 0.41 -6.16
C LEU A 153 28.66 1.23 -7.44
N GLY A 154 27.88 2.31 -7.57
CA GLY A 154 27.87 3.11 -8.80
C GLY A 154 26.95 2.66 -9.92
N LEU A 155 25.97 1.81 -9.62
CA LEU A 155 25.12 1.19 -10.61
C LEU A 155 23.86 2.02 -10.75
N ARG A 156 23.95 3.08 -11.55
CA ARG A 156 22.93 4.14 -11.59
C ARG A 156 21.62 3.65 -12.17
N ASP A 157 21.63 2.52 -12.92
CA ASP A 157 20.46 2.01 -13.59
C ASP A 157 19.55 1.16 -12.70
N VAL A 158 19.99 0.74 -11.52
CA VAL A 158 19.19 -0.16 -10.68
C VAL A 158 18.25 0.69 -9.83
N HIS A 159 16.97 0.41 -9.98
CA HIS A 159 15.94 1.16 -9.25
C HIS A 159 14.93 0.28 -8.62
N LEU A 160 14.27 0.83 -7.62
CA LEU A 160 13.23 0.12 -6.91
C LEU A 160 11.93 0.11 -7.70
N ALA A 161 11.30 -1.05 -7.74
CA ALA A 161 9.98 -1.22 -8.32
C ALA A 161 9.03 -1.63 -7.18
N LEU A 162 7.85 -1.06 -7.17
CA LEU A 162 6.89 -1.26 -6.09
C LEU A 162 5.52 -1.53 -6.64
N SER A 163 4.91 -2.60 -6.19
CA SER A 163 3.47 -2.73 -6.39
C SER A 163 2.83 -2.37 -5.07
N GLU A 164 1.52 -2.53 -4.93
CA GLU A 164 0.90 -2.27 -3.64
C GLU A 164 1.18 -3.24 -2.50
N ASP A 165 1.88 -4.33 -2.77
CA ASP A 165 2.17 -5.38 -1.75
C ASP A 165 3.51 -6.04 -1.95
N HIS A 166 4.35 -5.58 -2.88
CA HIS A 166 5.60 -6.25 -3.12
C HIS A 166 6.61 -5.27 -3.74
N ALA A 167 7.90 -5.61 -3.68
CA ALA A 167 8.98 -4.78 -4.17
C ALA A 167 9.99 -5.66 -4.88
N TRP A 168 10.62 -5.10 -5.87
CA TRP A 168 11.64 -5.77 -6.66
C TRP A 168 12.51 -4.67 -7.27
N VAL A 169 13.36 -5.00 -8.26
CA VAL A 169 14.12 -4.00 -8.93
C VAL A 169 13.96 -4.01 -10.44
N VAL A 170 14.18 -2.83 -11.03
CA VAL A 170 14.36 -2.69 -12.47
C VAL A 170 15.77 -2.25 -12.77
N PHE A 171 16.25 -2.57 -13.94
CA PHE A 171 17.62 -2.29 -14.28
C PHE A 171 17.85 -2.52 -15.77
N GLY A 172 19.07 -2.31 -16.25
CA GLY A 172 19.45 -2.79 -17.53
C GLY A 172 19.16 -1.79 -18.64
N PRO A 173 19.26 -2.21 -19.88
CA PRO A 173 19.01 -1.36 -21.06
C PRO A 173 17.67 -0.73 -20.95
N ASN A 174 17.63 0.60 -21.03
CA ASN A 174 16.38 1.39 -20.85
C ASN A 174 15.61 1.20 -19.56
N GLY A 175 16.22 0.60 -18.55
CA GLY A 175 15.57 0.23 -17.36
C GLY A 175 14.45 -0.77 -17.57
N GLU A 176 14.58 -1.63 -18.58
CA GLU A 176 13.51 -2.49 -19.00
C GLU A 176 13.50 -3.87 -18.35
N GLN A 177 14.59 -4.29 -17.73
CA GLN A 177 14.61 -5.56 -17.06
C GLN A 177 14.02 -5.48 -15.68
N THR A 178 13.42 -6.58 -15.25
CA THR A 178 12.99 -6.77 -13.89
C THR A 178 13.71 -7.93 -13.22
N ALA A 179 13.92 -7.81 -11.91
CA ALA A 179 14.46 -8.89 -11.14
C ALA A 179 13.85 -8.93 -9.75
N GLU A 180 13.42 -10.09 -9.34
CA GLU A 180 13.07 -10.34 -7.93
C GLU A 180 14.33 -10.32 -7.13
N VAL A 181 14.23 -9.70 -5.96
CA VAL A 181 15.40 -9.62 -5.05
C VAL A 181 15.02 -9.94 -3.60
N THR A 182 13.74 -10.11 -3.30
CA THR A 182 13.30 -10.37 -1.95
C THR A 182 12.19 -11.42 -1.94
N TRP A 183 11.73 -11.80 -0.77
CA TRP A 183 10.63 -12.74 -0.64
C TRP A 183 9.31 -11.99 -0.61
N HIS A 184 8.22 -12.73 -0.82
CA HIS A 184 6.92 -12.18 -0.69
C HIS A 184 6.10 -13.11 0.16
N GLY A 185 5.46 -12.55 1.17
CA GLY A 185 4.52 -13.29 1.97
C GLY A 185 5.24 -14.21 2.91
N LYS A 186 4.60 -15.34 3.17
CA LYS A 186 5.04 -16.35 4.13
C LYS A 186 4.84 -17.67 3.43
N GLY A 187 5.91 -18.44 3.25
CA GLY A 187 5.80 -19.79 2.70
C GLY A 187 5.74 -19.87 1.19
N ASN A 188 5.62 -18.73 0.51
CA ASN A 188 5.79 -18.70 -0.94
C ASN A 188 7.27 -18.88 -1.22
N GLU A 189 7.62 -19.88 -2.03
CA GLU A 189 9.02 -20.08 -2.42
C GLU A 189 9.41 -18.91 -3.31
N ASP A 190 10.57 -18.33 -3.03
CA ASP A 190 10.97 -17.07 -3.67
C ASP A 190 11.41 -17.34 -5.12
N ARG A 191 11.30 -16.31 -5.96
CA ARG A 191 11.70 -16.40 -7.37
C ARG A 191 12.88 -15.43 -7.60
N ARG A 192 13.77 -15.27 -6.58
CA ARG A 192 14.83 -14.26 -6.64
C ARG A 192 15.64 -14.52 -7.91
N GLY A 193 15.95 -13.43 -8.59
CA GLY A 193 16.68 -13.49 -9.79
C GLY A 193 15.82 -13.51 -11.04
N GLN A 194 14.55 -13.87 -10.94
CA GLN A 194 13.71 -14.03 -12.14
C GLN A 194 13.04 -12.72 -12.42
N THR A 195 12.43 -12.65 -13.59
CA THR A 195 11.60 -11.50 -13.96
C THR A 195 10.26 -11.58 -13.23
N VAL A 196 9.52 -10.48 -13.35
CA VAL A 196 8.11 -10.44 -12.90
C VAL A 196 7.11 -10.70 -14.04
N ASN A 197 7.59 -11.16 -15.19
CA ASN A 197 6.67 -11.27 -16.33
C ASN A 197 5.57 -12.26 -16.22
N ALA A 198 5.78 -13.39 -15.57
CA ALA A 198 4.72 -14.34 -15.39
C ALA A 198 3.60 -13.75 -14.55
N GLY A 199 3.96 -13.00 -13.51
CA GLY A 199 2.97 -12.37 -12.67
C GLY A 199 2.20 -11.25 -13.34
N VAL A 200 2.90 -10.48 -14.18
CA VAL A 200 2.22 -9.46 -14.98
C VAL A 200 1.24 -10.16 -15.94
N ALA A 201 1.72 -11.18 -16.64
CA ALA A 201 0.92 -11.92 -17.61
C ALA A 201 -0.32 -12.59 -17.01
N GLU A 202 -0.25 -12.99 -15.74
CA GLU A 202 -1.43 -13.61 -15.19
C GLU A 202 -2.46 -12.63 -14.63
N ARG A 203 -2.15 -11.36 -14.70
CA ARG A 203 -3.06 -10.33 -14.29
C ARG A 203 -3.42 -10.39 -12.83
N SER A 204 -2.46 -10.77 -12.00
CA SER A 204 -2.62 -10.70 -10.52
C SER A 204 -2.59 -9.32 -10.01
N TRP A 205 -3.19 -9.08 -8.86
CA TRP A 205 -3.04 -7.79 -8.22
C TRP A 205 -1.63 -7.52 -7.77
N LEU A 206 -0.92 -8.57 -7.39
CA LEU A 206 0.45 -8.40 -6.87
C LEU A 206 1.35 -7.65 -7.83
N TYR A 207 1.19 -7.88 -9.13
CA TYR A 207 2.03 -7.17 -10.13
C TYR A 207 1.31 -6.10 -10.94
N LEU A 208 0.06 -5.78 -10.56
CA LEU A 208 -0.71 -4.66 -11.08
C LEU A 208 -0.81 -4.59 -12.60
N LYS A 209 -0.83 -5.74 -13.23
CA LYS A 209 -0.91 -5.80 -14.68
C LYS A 209 0.20 -4.95 -15.32
N GLY A 210 1.30 -4.80 -14.61
CA GLY A 210 2.42 -4.01 -15.13
C GLY A 210 2.38 -2.54 -14.80
N SER A 211 1.32 -2.07 -14.16
CA SER A 211 1.15 -0.67 -13.76
C SER A 211 1.66 -0.40 -12.34
N TYR A 212 2.83 -0.98 -12.10
CA TYR A 212 3.57 -0.79 -10.86
C TYR A 212 4.48 0.44 -10.95
N MET A 213 5.00 0.90 -9.83
CA MET A 213 5.89 2.07 -9.80
C MET A 213 7.30 1.64 -10.19
N ARG A 214 7.89 2.40 -11.09
CA ARG A 214 9.31 2.33 -11.42
C ARG A 214 9.96 3.58 -10.88
N CYS A 215 10.62 3.46 -9.73
CA CYS A 215 11.09 4.64 -9.03
C CYS A 215 12.31 5.24 -9.69
N ASP A 216 12.39 6.56 -9.66
CA ASP A 216 13.67 7.22 -9.77
C ASP A 216 14.28 7.41 -8.37
N ARG A 217 15.46 8.03 -8.29
CA ARG A 217 16.16 8.17 -7.01
C ARG A 217 15.36 9.01 -6.01
N LYS A 218 14.63 10.00 -6.49
CA LYS A 218 13.78 10.81 -5.61
C LYS A 218 12.60 10.07 -5.06
N MET A 219 11.99 9.21 -5.89
CA MET A 219 10.92 8.37 -5.45
C MET A 219 11.41 7.32 -4.43
N GLU A 220 12.64 6.88 -4.57
CA GLU A 220 13.23 5.97 -3.58
C GLU A 220 13.41 6.68 -2.23
N VAL A 221 13.78 7.95 -2.26
CA VAL A 221 13.74 8.75 -1.06
C VAL A 221 12.33 8.81 -0.48
N ALA A 222 11.32 9.03 -1.31
CA ALA A 222 9.97 9.05 -0.82
C ALA A 222 9.57 7.74 -0.18
N PHE A 223 10.00 6.62 -0.76
CA PHE A 223 9.68 5.31 -0.20
C PHE A 223 10.25 5.17 1.24
N MET A 224 11.50 5.57 1.43
CA MET A 224 12.12 5.40 2.77
C MET A 224 11.39 6.32 3.78
N VAL A 225 10.87 7.43 3.31
CA VAL A 225 10.09 8.32 4.16
C VAL A 225 8.71 7.73 4.54
N CYS A 226 8.03 7.16 3.54
CA CYS A 226 6.82 6.40 3.83
C CYS A 226 7.07 5.22 4.78
N ALA A 227 8.26 4.63 4.69
CA ALA A 227 8.65 3.50 5.48
C ALA A 227 8.93 3.82 6.95
N ILE A 228 9.10 5.11 7.29
CA ILE A 228 9.23 5.46 8.68
C ILE A 228 8.06 4.89 9.48
N ASN A 229 8.36 4.35 10.63
CA ASN A 229 7.33 3.76 11.48
C ASN A 229 7.37 4.44 12.84
N PRO A 230 6.38 5.35 13.03
CA PRO A 230 6.35 6.07 14.31
C PRO A 230 5.87 5.27 15.47
N SER A 231 5.41 4.04 15.30
CA SER A 231 4.84 3.28 16.41
C SER A 231 5.84 2.95 17.49
N ILE A 232 5.49 3.26 18.72
CA ILE A 232 6.31 2.86 19.88
C ILE A 232 5.72 1.53 20.40
N ASP A 233 4.39 1.48 20.48
CA ASP A 233 3.65 0.25 20.86
C ASP A 233 2.22 0.31 20.31
N LEU A 234 1.37 -0.65 20.68
CA LEU A 234 0.00 -0.71 20.10
C LEU A 234 -0.80 0.54 20.37
N HIS A 235 -0.48 1.22 21.47
CA HIS A 235 -1.27 2.37 21.96
C HIS A 235 -0.61 3.71 21.70
N THR A 236 0.62 3.71 21.17
CA THR A 236 1.47 4.89 21.29
C THR A 236 2.35 5.11 20.08
N ASP A 237 2.24 6.29 19.48
CA ASP A 237 3.13 6.72 18.42
C ASP A 237 4.06 7.80 18.94
N SER A 238 5.26 7.83 18.40
CA SER A 238 6.19 8.94 18.58
C SER A 238 5.71 10.17 17.81
N LEU A 239 5.39 11.20 18.58
CA LEU A 239 5.01 12.48 17.98
C LEU A 239 6.15 13.05 17.18
N GLU A 240 7.37 12.83 17.62
CA GLU A 240 8.55 13.36 16.94
C GLU A 240 8.66 12.71 15.56
N LEU A 241 8.46 11.40 15.49
CA LEU A 241 8.56 10.70 14.19
C LEU A 241 7.39 11.06 13.27
N LEU A 242 6.17 11.19 13.82
CA LEU A 242 5.03 11.63 13.03
C LEU A 242 5.35 12.98 12.37
N GLN A 243 5.88 13.90 13.15
CA GLN A 243 6.18 15.24 12.64
C GLN A 243 7.28 15.16 11.58
N LEU A 244 8.33 14.40 11.84
CA LEU A 244 9.42 14.22 10.86
C LEU A 244 8.91 13.66 9.55
N GLN A 245 8.10 12.61 9.61
CA GLN A 245 7.60 11.98 8.40
C GLN A 245 6.72 12.97 7.63
N GLN A 246 5.89 13.72 8.37
CA GLN A 246 4.95 14.67 7.77
C GLN A 246 5.75 15.76 7.06
N LYS A 247 6.73 16.34 7.75
CA LYS A 247 7.58 17.39 7.14
C LYS A 247 8.38 16.91 5.96
N LEU A 248 8.87 15.68 6.01
CA LEU A 248 9.60 15.12 4.89
C LEU A 248 8.70 14.86 3.69
N LEU A 249 7.50 14.38 3.95
CA LEU A 249 6.52 14.23 2.88
C LEU A 249 6.10 15.54 2.26
N TRP A 250 5.96 16.60 3.06
CA TRP A 250 5.70 17.93 2.46
C TRP A 250 6.88 18.43 1.57
N LEU A 251 8.10 18.16 2.04
CA LEU A 251 9.28 18.53 1.26
C LEU A 251 9.25 17.86 -0.09
N LEU A 252 9.02 16.55 -0.07
CA LEU A 252 8.93 15.78 -1.27
C LEU A 252 7.80 16.28 -2.16
N TYR A 253 6.64 16.56 -1.58
CA TYR A 253 5.47 17.07 -2.32
C TYR A 253 5.82 18.35 -3.04
N ASP A 254 6.43 19.28 -2.28
CA ASP A 254 6.78 20.59 -2.84
C ASP A 254 7.77 20.52 -3.97
N LEU A 255 8.68 19.53 -3.93
CA LEU A 255 9.67 19.34 -4.98
C LEU A 255 9.18 18.55 -6.15
N GLY A 256 7.92 18.08 -6.12
CA GLY A 256 7.35 17.31 -7.21
C GLY A 256 7.48 15.81 -7.15
N HIS A 257 8.10 15.29 -6.10
CA HIS A 257 8.48 13.89 -6.06
C HIS A 257 7.41 12.92 -5.58
N LEU A 258 6.25 13.45 -5.24
CA LEU A 258 5.07 12.62 -4.94
C LEU A 258 4.13 12.53 -6.14
N GLU A 259 4.44 13.21 -7.24
CA GLU A 259 3.55 13.25 -8.37
C GLU A 259 3.09 11.89 -8.85
N ARG A 260 4.01 10.92 -8.83
CA ARG A 260 3.75 9.57 -9.35
C ARG A 260 3.70 8.56 -8.19
N TYR A 261 3.34 9.00 -7.01
CA TYR A 261 3.40 8.13 -5.84
C TYR A 261 2.08 8.20 -5.03
N PRO A 262 1.06 7.52 -5.53
CA PRO A 262 -0.23 7.55 -4.85
C PRO A 262 -0.22 7.21 -3.38
N MET A 263 0.49 6.17 -2.99
N MET A 263 0.48 6.15 -2.97
CA MET A 263 0.42 5.71 -1.61
CA MET A 263 0.43 5.70 -1.55
C MET A 263 1.00 6.77 -0.66
C MET A 263 1.04 6.74 -0.64
N ALA A 264 2.04 7.47 -1.12
CA ALA A 264 2.63 8.51 -0.32
C ALA A 264 1.68 9.66 -0.07
N LEU A 265 0.88 10.00 -1.07
CA LEU A 265 -0.16 11.01 -0.91
C LEU A 265 -1.24 10.58 0.07
N GLY A 266 -1.59 9.30 0.07
CA GLY A 266 -2.51 8.82 1.08
C GLY A 266 -1.92 8.87 2.49
N ASN A 267 -0.63 8.52 2.61
CA ASN A 267 0.09 8.57 3.87
C ASN A 267 0.15 10.00 4.41
N LEU A 268 0.39 10.96 3.51
CA LEU A 268 0.42 12.36 3.91
C LEU A 268 -0.97 12.86 4.34
N ALA A 269 -1.99 12.44 3.60
CA ALA A 269 -3.36 12.80 3.95
C ALA A 269 -3.71 12.28 5.37
N ASP A 270 -3.33 11.03 5.63
CA ASP A 270 -3.61 10.46 6.95
C ASP A 270 -2.89 11.28 8.06
N LEU A 271 -1.66 11.69 7.78
CA LEU A 271 -0.92 12.50 8.75
C LEU A 271 -1.57 13.86 8.99
N GLU A 272 -2.07 14.47 7.93
CA GLU A 272 -2.75 15.75 8.01
C GLU A 272 -4.08 15.62 8.78
N GLU A 273 -4.76 14.49 8.63
CA GLU A 273 -5.98 14.25 9.43
C GLU A 273 -5.63 14.28 10.89
N LEU A 274 -4.52 13.63 11.22
CA LEU A 274 -4.12 13.52 12.60
C LEU A 274 -3.73 14.87 13.18
N GLU A 275 -2.96 15.64 12.41
CA GLU A 275 -2.54 16.96 12.88
C GLU A 275 -2.30 17.84 11.68
N PRO A 276 -3.27 18.70 11.36
CA PRO A 276 -3.17 19.47 10.13
C PRO A 276 -2.14 20.56 10.18
N THR A 277 -1.46 20.76 9.06
CA THR A 277 -0.48 21.77 8.92
C THR A 277 -1.13 23.04 8.36
N PRO A 278 -1.08 24.15 9.09
CA PRO A 278 -1.72 25.36 8.54
C PRO A 278 -1.22 25.78 7.16
N GLY A 279 -2.17 26.08 6.30
CA GLY A 279 -1.82 26.54 4.98
C GLY A 279 -1.75 25.46 3.96
N ARG A 280 -1.95 24.21 4.39
CA ARG A 280 -1.83 23.08 3.47
C ARG A 280 -3.17 22.57 3.00
N PRO A 281 -3.18 21.82 1.89
CA PRO A 281 -4.42 21.20 1.47
C PRO A 281 -5.04 20.31 2.51
N ASP A 282 -6.35 20.20 2.49
CA ASP A 282 -7.06 19.26 3.40
C ASP A 282 -6.75 17.81 3.09
N PRO A 283 -6.96 16.91 4.07
CA PRO A 283 -6.81 15.50 3.76
C PRO A 283 -7.59 15.05 2.55
N LEU A 284 -8.84 15.46 2.41
CA LEU A 284 -9.62 15.04 1.25
C LEU A 284 -9.00 15.43 -0.06
N THR A 285 -8.49 16.66 -0.17
CA THR A 285 -7.77 17.06 -1.38
C THR A 285 -6.59 16.12 -1.67
N LEU A 286 -5.86 15.77 -0.64
CA LEU A 286 -4.73 14.89 -0.81
C LEU A 286 -5.10 13.47 -1.18
N TYR A 287 -6.18 12.92 -0.62
CA TYR A 287 -6.61 11.58 -1.05
C TYR A 287 -6.98 11.64 -2.53
N HIS A 288 -7.66 12.72 -2.91
CA HIS A 288 -8.04 12.84 -4.32
C HIS A 288 -6.87 13.06 -5.23
N LYS A 289 -5.81 13.67 -4.76
CA LYS A 289 -4.61 13.78 -5.55
C LYS A 289 -3.95 12.41 -5.73
N GLY A 290 -4.02 11.58 -4.70
CA GLY A 290 -3.53 10.18 -4.84
C GLY A 290 -4.26 9.41 -5.89
N ILE A 291 -5.60 9.53 -5.88
CA ILE A 291 -6.39 8.89 -6.91
C ILE A 291 -6.07 9.45 -8.29
N ALA A 292 -5.93 10.76 -8.38
CA ALA A 292 -5.54 11.35 -9.66
C ALA A 292 -4.21 10.87 -10.15
N SER A 293 -3.24 10.71 -9.27
CA SER A 293 -1.93 10.19 -9.60
C SER A 293 -2.09 8.78 -10.18
N ALA A 294 -2.89 7.95 -9.49
CA ALA A 294 -3.11 6.59 -9.99
C ALA A 294 -3.80 6.54 -11.38
N LYS A 295 -4.73 7.45 -11.57
CA LYS A 295 -5.43 7.53 -12.86
C LYS A 295 -4.50 8.00 -13.95
N THR A 296 -3.63 8.95 -13.59
CA THR A 296 -2.76 9.57 -14.59
C THR A 296 -1.60 8.69 -15.01
N TYR A 297 -0.94 8.05 -14.02
CA TYR A 297 0.30 7.36 -14.24
C TYR A 297 0.16 5.84 -14.27
N TYR A 298 -0.87 5.30 -13.68
CA TYR A 298 -0.98 3.86 -13.49
C TYR A 298 -2.26 3.24 -13.97
N ARG A 299 -2.89 3.92 -14.95
CA ARG A 299 -4.08 3.39 -15.60
C ARG A 299 -5.22 3.12 -14.65
N ASP A 300 -5.26 3.81 -13.51
CA ASP A 300 -6.31 3.59 -12.53
C ASP A 300 -6.40 2.12 -12.11
N GLU A 301 -5.24 1.47 -11.95
N GLU A 301 -5.23 1.46 -11.95
CA GLU A 301 -5.20 0.04 -11.63
CA GLU A 301 -5.18 0.03 -11.64
C GLU A 301 -4.78 -0.21 -10.19
C GLU A 301 -4.81 -0.21 -10.19
N HIS A 302 -4.71 0.84 -9.37
CA HIS A 302 -4.40 0.68 -7.96
C HIS A 302 -5.60 0.69 -7.06
N ILE A 303 -5.55 -0.12 -6.03
CA ILE A 303 -6.68 -0.23 -5.07
C ILE A 303 -6.57 0.72 -3.88
N TYR A 304 -5.37 0.92 -3.36
CA TYR A 304 -5.27 1.66 -2.13
C TYR A 304 -5.64 3.14 -2.24
N PRO A 305 -5.51 3.79 -3.40
CA PRO A 305 -5.95 5.23 -3.38
C PRO A 305 -7.40 5.39 -2.91
N TYR A 306 -8.24 4.47 -3.35
CA TYR A 306 -9.64 4.46 -2.99
C TYR A 306 -9.84 3.95 -1.56
N MET A 307 -9.07 2.95 -1.14
CA MET A 307 -9.19 2.50 0.25
C MET A 307 -8.79 3.60 1.24
N TYR A 308 -7.70 4.34 0.98
CA TYR A 308 -7.36 5.45 1.84
C TYR A 308 -8.52 6.41 1.97
N LEU A 309 -9.09 6.77 0.85
CA LEU A 309 -10.23 7.68 0.88
C LEU A 309 -11.41 7.11 1.68
N ALA A 310 -11.73 5.87 1.37
CA ALA A 310 -12.82 5.21 2.14
C ALA A 310 -12.58 5.19 3.61
N GLY A 311 -11.35 4.87 4.04
CA GLY A 311 -11.02 4.87 5.46
C GLY A 311 -11.27 6.20 6.12
N TYR A 312 -10.88 7.27 5.47
CA TYR A 312 -11.11 8.62 6.00
C TYR A 312 -12.60 8.89 6.14
N HIS A 313 -13.39 8.55 5.13
CA HIS A 313 -14.83 8.79 5.23
C HIS A 313 -15.43 7.93 6.30
N CYS A 314 -14.96 6.70 6.42
CA CYS A 314 -15.43 5.78 7.47
C CYS A 314 -15.14 6.38 8.84
N ARG A 315 -13.92 6.85 9.07
CA ARG A 315 -13.60 7.39 10.40
C ARG A 315 -14.43 8.63 10.71
N ASN A 316 -14.81 9.38 9.69
CA ASN A 316 -15.58 10.59 9.84
C ASN A 316 -17.08 10.34 9.72
N ARG A 317 -17.48 9.08 9.64
CA ARG A 317 -18.91 8.68 9.46
C ARG A 317 -19.63 9.39 8.32
N ASN A 318 -18.92 9.50 7.20
CA ASN A 318 -19.49 9.93 5.97
C ASN A 318 -19.87 8.61 5.27
N VAL A 319 -21.01 7.99 5.62
CA VAL A 319 -21.27 6.62 5.14
C VAL A 319 -21.44 6.60 3.64
N ARG A 320 -22.24 7.50 3.07
CA ARG A 320 -22.35 7.59 1.64
C ARG A 320 -21.00 7.58 0.89
N GLU A 321 -20.12 8.48 1.35
CA GLU A 321 -18.85 8.65 0.66
C GLU A 321 -17.90 7.50 0.90
N ALA A 322 -18.00 6.85 2.07
CA ALA A 322 -17.21 5.65 2.33
C ALA A 322 -17.66 4.54 1.40
N LEU A 323 -18.98 4.32 1.32
CA LEU A 323 -19.50 3.32 0.42
C LEU A 323 -19.10 3.58 -1.04
N GLN A 324 -19.21 4.85 -1.45
CA GLN A 324 -18.82 5.17 -2.81
C GLN A 324 -17.34 4.80 -3.07
N ALA A 325 -16.46 5.12 -2.12
CA ALA A 325 -15.05 4.84 -2.29
C ALA A 325 -14.75 3.35 -2.26
N TRP A 326 -15.46 2.59 -1.43
CA TRP A 326 -15.29 1.12 -1.45
C TRP A 326 -15.84 0.55 -2.74
N ALA A 327 -16.95 1.10 -3.26
CA ALA A 327 -17.43 0.63 -4.58
C ALA A 327 -16.39 0.89 -5.64
N ASP A 328 -15.72 2.04 -5.54
CA ASP A 328 -14.64 2.33 -6.46
C ASP A 328 -13.49 1.38 -6.36
N THR A 329 -13.13 0.94 -5.14
CA THR A 329 -12.14 -0.09 -4.93
C THR A 329 -12.50 -1.33 -5.70
N ALA A 330 -13.76 -1.72 -5.57
CA ALA A 330 -14.20 -2.93 -6.26
C ALA A 330 -14.23 -2.80 -7.75
N THR A 331 -14.48 -1.59 -8.25
CA THR A 331 -14.47 -1.34 -9.66
C THR A 331 -13.07 -1.45 -10.26
N VAL A 332 -12.05 -1.23 -9.45
CA VAL A 332 -10.68 -1.52 -9.86
C VAL A 332 -10.39 -3.00 -9.83
N ILE A 333 -10.71 -3.67 -8.73
CA ILE A 333 -10.35 -5.09 -8.57
C ILE A 333 -11.02 -5.96 -9.60
N GLN A 334 -12.19 -5.54 -10.13
CA GLN A 334 -12.96 -6.41 -11.01
C GLN A 334 -12.20 -6.86 -12.24
N ASP A 335 -11.21 -6.08 -12.67
CA ASP A 335 -10.44 -6.37 -13.86
C ASP A 335 -9.12 -7.01 -13.59
N TYR A 336 -9.01 -7.71 -12.47
CA TYR A 336 -7.89 -8.53 -12.13
C TYR A 336 -8.34 -9.99 -12.02
N ASN A 337 -7.38 -10.93 -12.10
CA ASN A 337 -7.56 -12.33 -11.72
C ASN A 337 -7.04 -12.52 -10.30
N TYR A 338 -7.83 -13.14 -9.43
CA TYR A 338 -7.44 -13.41 -8.05
C TYR A 338 -6.50 -14.60 -8.04
N CYS A 339 -5.23 -14.35 -7.79
CA CYS A 339 -4.18 -15.32 -7.85
C CYS A 339 -3.58 -15.63 -6.48
N ARG A 340 -2.87 -16.76 -6.43
CA ARG A 340 -2.05 -17.10 -5.34
C ARG A 340 -1.27 -15.76 -5.27
N GLU A 341 -0.93 -15.46 -4.03
CA GLU A 341 -0.05 -14.39 -3.65
C GLU A 341 -0.77 -13.07 -3.62
N ASP A 342 -2.07 -13.06 -3.95
CA ASP A 342 -2.92 -11.88 -3.72
C ASP A 342 -3.71 -11.80 -2.39
N GLU A 343 -3.34 -12.63 -1.42
CA GLU A 343 -4.17 -12.79 -0.22
C GLU A 343 -4.33 -11.48 0.54
N GLU A 344 -3.37 -10.56 0.51
N GLU A 344 -3.38 -10.57 0.49
CA GLU A 344 -3.50 -9.34 1.29
CA GLU A 344 -3.49 -9.33 1.27
C GLU A 344 -4.73 -8.55 0.82
C GLU A 344 -4.69 -8.49 0.82
N ILE A 345 -4.94 -8.46 -0.48
CA ILE A 345 -6.10 -7.67 -0.95
C ILE A 345 -7.41 -8.40 -0.71
N TYR A 346 -7.39 -9.72 -0.79
CA TYR A 346 -8.59 -10.49 -0.35
C TYR A 346 -8.90 -10.18 1.10
N LYS A 347 -7.90 -10.12 1.98
CA LYS A 347 -8.11 -9.79 3.38
C LYS A 347 -8.70 -8.40 3.54
N GLU A 348 -8.23 -7.47 2.75
CA GLU A 348 -8.76 -6.11 2.81
C GLU A 348 -10.24 -6.06 2.43
N PHE A 349 -10.61 -6.70 1.33
CA PHE A 349 -11.99 -6.74 0.92
C PHE A 349 -12.86 -7.50 1.93
N PHE A 350 -12.32 -8.60 2.44
CA PHE A 350 -13.08 -9.40 3.40
C PHE A 350 -13.42 -8.56 4.66
N GLU A 351 -12.43 -7.83 5.15
N GLU A 351 -12.46 -7.83 5.17
CA GLU A 351 -12.61 -7.02 6.35
CA GLU A 351 -12.73 -7.06 6.38
C GLU A 351 -13.63 -5.91 6.12
C GLU A 351 -13.72 -5.94 6.11
N VAL A 352 -13.62 -5.29 4.94
CA VAL A 352 -14.59 -4.24 4.61
C VAL A 352 -15.99 -4.80 4.52
N ALA A 353 -16.12 -5.91 3.79
CA ALA A 353 -17.44 -6.44 3.58
C ALA A 353 -18.04 -7.02 4.82
N ASN A 354 -17.18 -7.69 5.61
CA ASN A 354 -17.70 -8.56 6.66
C ASN A 354 -17.50 -8.07 8.06
N ASP A 355 -16.87 -6.93 8.22
CA ASP A 355 -16.64 -6.27 9.52
C ASP A 355 -16.95 -4.77 9.48
N VAL A 356 -16.28 -4.05 8.59
CA VAL A 356 -16.41 -2.59 8.62
C VAL A 356 -17.79 -2.12 8.19
N ILE A 357 -18.23 -2.53 7.00
CA ILE A 357 -19.53 -2.13 6.52
C ILE A 357 -20.65 -2.55 7.51
N PRO A 358 -20.59 -3.80 7.99
CA PRO A 358 -21.66 -4.18 8.94
C PRO A 358 -21.70 -3.29 10.17
N ASN A 359 -20.53 -2.90 10.68
CA ASN A 359 -20.50 -2.03 11.88
C ASN A 359 -21.05 -0.64 11.55
N LEU A 360 -20.64 -0.11 10.40
CA LEU A 360 -21.14 1.21 9.99
C LEU A 360 -22.62 1.21 9.82
N LEU A 361 -23.16 0.16 9.19
CA LEU A 361 -24.60 0.11 8.93
C LEU A 361 -25.42 -0.15 10.18
N LYS A 362 -24.87 -0.91 11.12
CA LYS A 362 -25.51 -1.11 12.43
C LYS A 362 -25.66 0.19 13.20
N GLU A 363 -24.61 1.01 13.21
CA GLU A 363 -24.70 2.31 13.83
C GLU A 363 -25.72 3.19 13.10
N ALA A 364 -25.65 3.18 11.78
CA ALA A 364 -26.59 3.97 11.00
C ALA A 364 -28.03 3.60 11.33
N ALA A 365 -28.32 2.31 11.53
CA ALA A 365 -29.62 1.82 11.86
C ALA A 365 -30.07 2.37 13.19
N SER A 366 -29.16 2.37 14.17
CA SER A 366 -29.49 2.92 15.48
C SER A 366 -29.79 4.40 15.41
N LEU A 367 -28.99 5.11 14.62
CA LEU A 367 -29.19 6.56 14.47
C LEU A 367 -30.46 6.87 13.69
N LEU A 368 -30.81 6.01 12.73
CA LEU A 368 -32.11 6.18 12.07
C LEU A 368 -33.27 6.02 13.01
N GLU A 369 -33.20 5.05 13.92
CA GLU A 369 -34.24 4.86 14.91
C GLU A 369 -34.36 6.09 15.81
N ALA A 370 -33.23 6.76 16.01
CA ALA A 370 -33.17 7.98 16.80
C ALA A 370 -33.63 9.20 16.00
N GLY A 371 -33.98 8.98 14.73
CA GLY A 371 -34.54 10.05 13.91
C GLY A 371 -33.56 10.86 13.07
N SER A 372 -32.49 10.22 12.60
CA SER A 372 -31.54 10.93 11.76
C SER A 372 -32.15 11.20 10.39
N GLN A 373 -31.86 12.39 9.85
CA GLN A 373 -32.25 12.78 8.50
C GLN A 373 -31.04 12.70 7.60
N GLY A 374 -31.28 12.47 6.33
CA GLY A 374 -30.19 12.33 5.39
C GLY A 374 -29.41 11.04 5.54
N SER A 375 -30.02 10.07 6.26
CA SER A 375 -29.37 8.76 6.56
C SER A 375 -28.99 8.04 5.30
N ALA A 376 -27.81 7.40 5.28
CA ALA A 376 -27.36 6.62 4.16
C ALA A 376 -28.39 5.49 3.97
N LEU A 377 -29.04 5.03 5.03
CA LEU A 377 -29.97 3.90 4.93
C LEU A 377 -31.24 4.32 4.20
N GLN A 378 -31.47 5.63 4.07
CA GLN A 378 -32.65 6.10 3.29
C GLN A 378 -32.27 6.62 1.95
N ASP A 379 -31.00 6.48 1.58
CA ASP A 379 -30.53 7.00 0.30
C ASP A 379 -30.30 5.87 -0.68
N PRO A 380 -31.12 5.80 -1.71
CA PRO A 380 -30.92 4.78 -2.70
C PRO A 380 -29.55 4.81 -3.38
N GLU A 381 -28.86 5.94 -3.46
CA GLU A 381 -27.53 5.98 -4.03
C GLU A 381 -26.56 5.20 -3.14
N CYS A 382 -26.73 5.21 -1.82
CA CYS A 382 -25.95 4.42 -0.88
C CYS A 382 -26.16 2.91 -1.08
N PHE A 383 -27.43 2.51 -1.31
CA PHE A 383 -27.70 1.12 -1.64
C PHE A 383 -27.02 0.74 -2.94
N ALA A 384 -27.07 1.62 -3.94
CA ALA A 384 -26.40 1.34 -5.20
C ALA A 384 -24.90 1.17 -5.02
N HIS A 385 -24.27 1.99 -4.17
CA HIS A 385 -22.83 1.80 -3.92
C HIS A 385 -22.53 0.45 -3.28
N LEU A 386 -23.36 0.05 -2.32
CA LEU A 386 -23.18 -1.28 -1.71
C LEU A 386 -23.28 -2.37 -2.76
N LEU A 387 -24.27 -2.26 -3.63
CA LEU A 387 -24.40 -3.27 -4.71
C LEU A 387 -23.22 -3.25 -5.66
N ARG A 388 -22.72 -2.07 -6.02
CA ARG A 388 -21.58 -2.00 -6.93
C ARG A 388 -20.33 -2.60 -6.31
N PHE A 389 -20.16 -2.44 -4.99
CA PHE A 389 -19.06 -3.05 -4.28
C PHE A 389 -19.14 -4.56 -4.46
N TYR A 390 -20.31 -5.16 -4.13
CA TYR A 390 -20.39 -6.61 -4.31
C TYR A 390 -20.24 -7.03 -5.78
N ASP A 391 -20.76 -6.24 -6.71
CA ASP A 391 -20.62 -6.59 -8.12
C ASP A 391 -19.15 -6.67 -8.54
N GLY A 392 -18.32 -5.71 -8.10
CA GLY A 392 -16.94 -5.75 -8.48
C GLY A 392 -16.23 -6.96 -7.89
N ILE A 393 -16.56 -7.30 -6.66
CA ILE A 393 -15.97 -8.48 -6.06
C ILE A 393 -16.37 -9.74 -6.82
N CYS A 394 -17.65 -9.84 -7.17
CA CYS A 394 -18.07 -11.01 -7.93
C CYS A 394 -17.40 -11.05 -9.30
N LYS A 395 -17.23 -9.91 -9.95
CA LYS A 395 -16.63 -9.89 -11.28
C LYS A 395 -15.14 -10.29 -11.18
N TRP A 396 -14.47 -9.80 -10.14
CA TRP A 396 -13.08 -10.18 -9.82
C TRP A 396 -12.94 -11.66 -9.84
N GLU A 397 -13.86 -12.35 -9.17
CA GLU A 397 -13.86 -13.81 -9.04
C GLU A 397 -13.96 -14.52 -10.40
N GLU A 398 -14.67 -13.92 -11.35
CA GLU A 398 -14.87 -14.56 -12.65
C GLU A 398 -13.60 -14.79 -13.40
N GLY A 399 -13.42 -16.05 -13.80
CA GLY A 399 -12.21 -16.50 -14.49
C GLY A 399 -10.92 -16.51 -13.68
N SER A 400 -11.03 -16.31 -12.37
CA SER A 400 -9.82 -16.39 -11.55
C SER A 400 -9.49 -17.83 -11.25
N PRO A 401 -8.19 -18.06 -10.99
CA PRO A 401 -7.84 -19.45 -10.76
C PRO A 401 -8.24 -19.99 -9.39
N THR A 402 -8.52 -19.08 -8.44
CA THR A 402 -9.05 -19.43 -7.13
C THR A 402 -10.30 -18.57 -6.87
N PRO A 403 -11.31 -19.12 -6.19
CA PRO A 403 -12.53 -18.33 -5.91
C PRO A 403 -12.35 -17.34 -4.78
N VAL A 404 -13.30 -16.43 -4.65
CA VAL A 404 -13.27 -15.39 -3.66
C VAL A 404 -14.40 -15.59 -2.66
N LEU A 405 -15.63 -15.78 -3.17
CA LEU A 405 -16.80 -15.79 -2.32
C LEU A 405 -17.08 -17.14 -1.73
N HIS A 406 -17.67 -17.08 -0.55
CA HIS A 406 -18.13 -18.27 0.18
C HIS A 406 -19.28 -17.90 1.11
N VAL A 407 -19.90 -18.91 1.76
CA VAL A 407 -21.10 -18.66 2.54
C VAL A 407 -20.90 -17.69 3.68
N GLY A 408 -19.68 -17.59 4.21
CA GLY A 408 -19.38 -16.52 5.20
C GLY A 408 -19.71 -15.12 4.74
N TRP A 409 -19.40 -14.91 3.48
CA TRP A 409 -19.70 -13.62 2.91
C TRP A 409 -21.21 -13.43 2.72
N ALA A 410 -21.88 -14.50 2.40
CA ALA A 410 -23.32 -14.38 2.12
C ALA A 410 -24.15 -13.93 3.35
N THR A 411 -23.80 -14.37 4.53
CA THR A 411 -24.52 -14.00 5.72
C THR A 411 -24.43 -12.50 5.93
N PHE A 412 -23.26 -11.92 5.71
CA PHE A 412 -23.10 -10.47 5.87
C PHE A 412 -23.79 -9.69 4.80
N LEU A 413 -23.79 -10.21 3.58
CA LEU A 413 -24.53 -9.56 2.45
C LEU A 413 -25.98 -9.46 2.82
N VAL A 414 -26.57 -10.56 3.27
CA VAL A 414 -28.00 -10.56 3.57
C VAL A 414 -28.29 -9.54 4.70
N GLN A 415 -27.43 -9.51 5.69
CA GLN A 415 -27.61 -8.57 6.80
C GLN A 415 -27.51 -7.15 6.28
N SER A 416 -26.49 -6.87 5.46
CA SER A 416 -26.30 -5.49 4.97
C SER A 416 -27.45 -5.04 4.09
N LEU A 417 -27.91 -5.92 3.21
CA LEU A 417 -29.05 -5.61 2.34
C LEU A 417 -30.25 -5.23 3.22
N GLY A 418 -30.48 -6.00 4.27
CA GLY A 418 -31.64 -5.83 5.17
C GLY A 418 -31.66 -4.51 5.94
N ARG A 419 -30.52 -3.85 6.04
CA ARG A 419 -30.44 -2.57 6.69
C ARG A 419 -31.17 -1.49 5.93
N PHE A 420 -31.41 -1.71 4.65
CA PHE A 420 -32.15 -0.78 3.83
C PHE A 420 -33.57 -1.26 3.68
N GLU A 421 -34.53 -0.39 3.95
CA GLU A 421 -35.90 -0.77 3.75
C GLU A 421 -36.22 -1.07 2.29
N GLY A 422 -37.23 -1.90 2.03
CA GLY A 422 -37.57 -2.23 0.65
C GLY A 422 -37.93 -1.01 -0.17
N GLN A 423 -38.61 -0.01 0.42
CA GLN A 423 -38.93 1.22 -0.31
C GLN A 423 -37.73 2.01 -0.75
N VAL A 424 -36.59 1.87 -0.08
CA VAL A 424 -35.34 2.49 -0.51
C VAL A 424 -34.70 1.64 -1.59
N ARG A 425 -34.60 0.34 -1.33
CA ARG A 425 -33.99 -0.57 -2.29
C ARG A 425 -34.69 -0.59 -3.65
N GLN A 426 -36.02 -0.41 -3.64
N GLN A 426 -36.01 -0.39 -3.66
CA GLN A 426 -36.82 -0.36 -4.86
CA GLN A 426 -36.75 -0.36 -4.89
C GLN A 426 -36.53 0.85 -5.74
C GLN A 426 -36.38 0.80 -5.79
N LYS A 427 -35.87 1.89 -5.22
CA LYS A 427 -35.59 3.06 -5.99
C LYS A 427 -34.31 2.95 -6.80
N VAL A 428 -33.52 1.92 -6.61
CA VAL A 428 -32.33 1.78 -7.49
C VAL A 428 -32.76 1.11 -8.78
N ARG A 429 -32.40 1.73 -9.90
CA ARG A 429 -32.69 1.20 -11.22
C ARG A 429 -31.46 0.40 -11.71
N ILE A 430 -31.62 -0.90 -11.91
CA ILE A 430 -30.53 -1.76 -12.36
C ILE A 430 -30.76 -2.00 -13.84
N VAL A 431 -29.88 -1.43 -14.65
CA VAL A 431 -30.00 -1.49 -16.09
C VAL A 431 -28.98 -2.42 -16.71
N SER A 432 -29.41 -2.99 -17.83
CA SER A 432 -28.70 -4.03 -18.54
C SER A 432 -27.83 -3.41 -19.62
N VAL A 433 -26.61 -3.90 -19.72
CA VAL A 433 -25.78 -3.66 -20.90
C VAL A 433 -26.06 -4.81 -21.89
N PRO A 434 -26.73 -4.53 -23.02
CA PRO A 434 -27.35 -3.27 -23.45
C PRO A 434 -28.79 -3.17 -22.97
CA GLY A 444 -33.17 8.07 -9.55
C GLY A 444 -31.81 7.44 -9.85
N PRO A 445 -31.23 6.68 -8.89
CA PRO A 445 -29.94 6.03 -9.14
C PRO A 445 -30.05 4.92 -10.15
N VAL A 446 -28.98 4.75 -10.91
CA VAL A 446 -28.97 3.73 -11.92
C VAL A 446 -27.63 3.07 -11.78
N LEU A 447 -27.67 1.79 -11.98
CA LEU A 447 -26.50 0.96 -11.79
C LEU A 447 -26.54 -0.08 -12.91
N THR A 448 -25.35 -0.47 -13.42
CA THR A 448 -25.26 -1.62 -14.31
C THR A 448 -24.35 -2.65 -13.62
N PHE A 449 -24.74 -3.89 -13.64
CA PHE A 449 -23.90 -4.92 -13.10
C PHE A 449 -23.00 -5.51 -14.16
N GLN A 450 -21.75 -5.74 -13.81
CA GLN A 450 -20.82 -6.45 -14.66
C GLN A 450 -20.73 -7.93 -14.37
N SER A 451 -21.07 -8.33 -13.15
CA SER A 451 -20.93 -9.75 -12.77
C SER A 451 -22.19 -10.54 -13.04
N GLU A 452 -22.01 -11.78 -13.45
CA GLU A 452 -23.15 -12.67 -13.60
C GLU A 452 -23.84 -12.95 -12.26
N LYS A 453 -23.09 -13.05 -11.17
CA LYS A 453 -23.73 -13.32 -9.88
C LYS A 453 -24.74 -12.22 -9.56
N MET A 454 -24.30 -10.95 -9.67
CA MET A 454 -25.22 -9.90 -9.27
C MET A 454 -26.38 -9.73 -10.27
N LYS A 455 -26.11 -9.97 -11.55
CA LYS A 455 -27.23 -9.91 -12.52
C LYS A 455 -28.34 -10.90 -12.15
N GLY A 456 -27.95 -12.09 -11.72
CA GLY A 456 -28.94 -13.07 -11.31
C GLY A 456 -29.60 -12.76 -9.98
N MET A 457 -29.02 -11.86 -9.21
N MET A 457 -28.99 -11.86 -9.21
CA MET A 457 -29.56 -11.53 -7.89
CA MET A 457 -29.45 -11.43 -7.88
C MET A 457 -30.54 -10.35 -7.96
C MET A 457 -30.53 -10.36 -7.97
N LYS A 458 -30.61 -9.69 -9.11
CA LYS A 458 -31.34 -8.44 -9.25
C LYS A 458 -32.78 -8.50 -8.68
N GLU A 459 -33.38 -9.65 -9.07
N GLU A 459 -33.63 -9.40 -9.13
CA GLU A 459 -34.72 -10.18 -8.78
CA GLU A 459 -34.97 -9.35 -8.60
C GLU A 459 -35.09 -10.26 -7.30
C GLU A 459 -34.98 -9.59 -7.07
N LEU A 460 -34.07 -10.41 -6.50
CA LEU A 460 -34.12 -10.64 -5.07
C LEU A 460 -33.81 -9.36 -4.31
N LEU A 461 -33.13 -8.42 -4.95
CA LEU A 461 -32.66 -7.20 -4.26
C LEU A 461 -33.69 -6.18 -3.85
N VAL A 462 -34.96 -6.30 -4.27
CA VAL A 462 -36.02 -5.36 -3.84
C VAL A 462 -37.20 -5.91 -2.99
N ALA A 463 -37.34 -7.22 -2.90
CA ALA A 463 -38.41 -7.80 -2.09
C ALA A 463 -38.43 -7.16 -0.70
N THR A 464 -39.63 -6.92 -0.16
CA THR A 464 -39.72 -6.30 1.15
C THR A 464 -38.98 -7.14 2.17
N LYS A 465 -39.10 -8.46 2.02
CA LYS A 465 -38.40 -9.44 2.83
C LYS A 465 -37.41 -10.06 1.86
N ILE A 466 -36.14 -9.86 2.19
CA ILE A 466 -35.07 -10.45 1.45
C ILE A 466 -35.14 -11.97 1.65
N ASN A 467 -35.12 -12.69 0.54
CA ASN A 467 -35.04 -14.15 0.56
C ASN A 467 -33.59 -14.56 0.82
N SER A 468 -33.24 -14.71 2.08
CA SER A 468 -31.90 -15.02 2.50
C SER A 468 -31.30 -16.28 1.87
N SER A 469 -32.06 -17.37 1.86
N SER A 469 -32.06 -17.38 1.86
CA SER A 469 -31.55 -18.61 1.31
CA SER A 469 -31.57 -18.61 1.29
C SER A 469 -31.24 -18.48 -0.19
C SER A 469 -31.22 -18.44 -0.19
N ALA A 470 -32.13 -17.79 -0.94
CA ALA A 470 -31.89 -17.61 -2.39
C ALA A 470 -30.69 -16.71 -2.66
N ILE A 471 -30.56 -15.64 -1.86
CA ILE A 471 -29.36 -14.79 -1.99
C ILE A 471 -28.09 -15.55 -1.74
N LYS A 472 -28.08 -16.38 -0.71
CA LYS A 472 -26.94 -17.21 -0.40
C LYS A 472 -26.61 -18.15 -1.54
N LEU A 473 -27.60 -18.79 -2.10
CA LEU A 473 -27.36 -19.65 -3.24
C LEU A 473 -26.79 -18.89 -4.42
N GLN A 474 -27.28 -17.68 -4.65
CA GLN A 474 -26.77 -16.97 -5.80
C GLN A 474 -25.37 -16.47 -5.58
N LEU A 475 -25.03 -16.07 -4.37
CA LEU A 475 -23.70 -15.50 -4.18
C LEU A 475 -22.64 -16.59 -4.20
N THR A 476 -22.98 -17.80 -3.78
CA THR A 476 -21.96 -18.84 -3.63
C THR A 476 -22.02 -19.86 -4.72
N ALA A 477 -23.08 -19.75 -5.52
CA ALA A 477 -23.39 -20.57 -6.66
C ALA A 477 -23.54 -22.02 -6.18
N GLN A 478 -24.13 -22.16 -4.98
CA GLN A 478 -24.32 -23.46 -4.31
C GLN A 478 -25.40 -24.17 -5.07
N SER A 479 -25.14 -25.43 -5.32
CA SER A 479 -25.92 -26.09 -6.39
C SER A 479 -27.19 -26.64 -5.73
N GLN A 480 -27.07 -27.05 -4.46
CA GLN A 480 -28.11 -27.87 -3.84
C GLN A 480 -28.41 -27.44 -2.41
N VAL A 481 -29.60 -27.78 -1.94
CA VAL A 481 -30.00 -27.59 -0.53
C VAL A 481 -30.33 -28.92 0.14
N GLN A 482 -30.32 -28.86 1.48
CA GLN A 482 -30.18 -30.04 2.35
C GLN A 482 -31.24 -31.07 2.07
N MET A 483 -30.87 -32.34 2.24
CA MET A 483 -31.68 -33.49 1.83
C MET A 483 -32.77 -33.84 2.83
N LYS A 484 -32.68 -33.29 4.03
CA LYS A 484 -33.66 -33.52 5.09
C LYS A 484 -33.87 -32.24 5.91
C TBF B . 6.60 -5.16 4.15
O1 TBF B . 6.20 -4.06 3.71
O TBF B . 7.87 -5.50 3.59
CAK 2SF C . -6.48 -0.35 3.96
CAI 2SF C . -7.87 -0.27 4.08
CAY 2SF C . -8.46 0.97 4.19
CAC 2SF C . -9.91 1.07 4.27
NAA 2SF C . -11.04 1.15 4.32
CAJ 2SF C . -7.67 2.09 4.22
CAL 2SF C . -6.28 2.04 4.04
CAZ 2SF C . -5.70 0.79 3.98
OAX 2SF C . -4.38 0.60 3.86
CAP 2SF C . -3.54 1.78 3.84
CAO 2SF C . -2.13 1.26 4.17
CAU 2SF C . -1.65 0.59 2.89
NBD 2SF C . -0.30 -0.08 3.12
CAW 2SF C . 0.16 -0.68 1.84
CAT 2SF C . 1.45 -1.44 1.92
CAV 2SF C . 0.74 0.90 3.49
CAS 2SF C . 2.08 0.19 3.77
CBC 2SF C . 2.52 -0.47 2.43
CBE 2SF C . 3.93 -1.12 2.40
CBB 2SF C . 4.98 -0.09 2.99
CAQ 2SF C . 5.14 1.22 2.33
CAM 2SF C . 6.38 1.85 2.96
CAN 2SF C . 7.17 0.66 3.57
CAR 2SF C . 6.42 -0.63 3.12
NAB 2SF C . 3.87 -2.31 3.30
CBA 2SF C . 4.34 -1.53 1.03
CAG 2SF C . 4.14 -0.72 -0.07
CAE 2SF C . 4.51 -1.08 -1.35
CAD 2SF C . 5.17 -2.26 -1.59
CAF 2SF C . 5.44 -3.07 -0.52
CAH 2SF C . 5.03 -2.72 0.77
O1 PG4 D . -8.77 -14.28 5.51
C1 PG4 D . -9.82 -13.36 5.88
C2 PG4 D . -10.66 -13.93 7.04
O2 PG4 D . -11.43 -15.08 6.62
C3 PG4 D . -12.12 -15.51 7.77
C4 PG4 D . -12.81 -16.78 7.36
O3 PG4 D . -11.87 -17.71 6.82
C5 PG4 D . -12.54 -18.89 6.42
C6 PG4 D . -11.61 -19.65 5.48
O4 PG4 D . -11.32 -18.89 4.29
C7 PG4 D . -11.07 -19.78 3.23
C8 PG4 D . -11.61 -19.03 2.00
O5 PG4 D . -10.65 -18.10 1.58
S SO4 E . -13.84 4.28 15.24
O1 SO4 E . -12.69 3.35 15.16
O2 SO4 E . -13.65 5.15 16.42
O3 SO4 E . -13.93 5.15 14.03
O4 SO4 E . -15.09 3.48 15.41
S SO4 F . 26.49 22.60 16.05
O1 SO4 F . 27.55 21.78 16.69
O2 SO4 F . 26.35 23.87 16.79
O3 SO4 F . 26.85 22.89 14.64
O4 SO4 F . 25.19 21.89 16.04
S SO4 G . -28.66 -5.59 15.32
O1 SO4 G . -28.89 -6.00 16.73
O2 SO4 G . -27.66 -4.50 15.30
O3 SO4 G . -29.93 -5.10 14.74
O4 SO4 G . -28.19 -6.75 14.53
S DMS H . 21.62 8.96 21.93
O DMS H . 20.65 10.06 21.77
C1 DMS H . 20.93 7.66 22.78
C2 DMS H . 21.90 8.29 20.40
O1P PGA I . 12.19 -16.02 4.20
C2 PGA I . 13.03 -15.19 5.01
C1 PGA I . 14.39 -14.96 4.37
O1 PGA I . 15.39 -14.60 5.34
S DMS J . -25.17 -24.48 -10.63
O DMS J . -25.25 -25.82 -10.07
C1 DMS J . -25.91 -24.55 -12.20
C2 DMS J . -26.36 -23.56 -9.88
S DMS K . -24.11 9.34 6.31
O DMS K . -23.90 9.33 4.75
C1 DMS K . -24.64 10.91 6.73
C2 DMS K . -25.38 8.35 6.93
C TBF L . 0.19 -2.45 5.48
O1 TBF L . 0.25 -1.95 6.59
O TBF L . -0.93 -2.12 4.64
#